data_1AMS
#
_entry.id   1AMS
#
_cell.length_a   155.100
_cell.length_b   86.600
_cell.length_c   79.300
_cell.angle_alpha   90.00
_cell.angle_beta   90.00
_cell.angle_gamma   90.00
#
_symmetry.space_group_name_H-M   'C 2 2 21'
#
loop_
_entity.id
_entity.type
_entity.pdbx_description
1 polymer 'ASPARTATE AMINOTRANSFERASE'
2 non-polymer "4'-DEOXY-4'-AMINOPYRIDOXAL-5'-PHOSPHATE"
3 non-polymer 'GLUTARIC ACID'
#
_entity_poly.entity_id   1
_entity_poly.type   'polypeptide(L)'
_entity_poly.pdbx_seq_one_letter_code
;MFENITAAPADPILGLADLFRADERPGKINLGIGVYKDETGKTPVLTSVKKAEQYLLENETTKNYLGIDGIPEFGRCTQE
LLFGKGSALINDKRARTAQTPGGTGALRVAADFLAKNTSVKRVWVSNPSWPNHKSVFNSAGLEVREYAYYDAENHTLDFD
ALINSLNEAQAGDVVLFHGCCHNPTGIDPTLEQWQTLAQLSVEKGWLPLFDFAYQGFARGLEEDAEGLRAFAAMHKELIV
ASSYSKNFGLYNERVGACTLVAADSETVDRAFSQMKAAIRANYSNPPAHGASVVATILSNDALRAIWEQELTDMRQRIQR
MRQLFVNTLQEKGANRDFSFIIKQNGMFSFSGLTKEQVLRLREEFGVYAVASGRVNVAGMTPDNMAPLCEAIVAVL
;
_entity_poly.pdbx_strand_id   A
#
# COMPACT_ATOMS: atom_id res chain seq x y z
N MET A 1 25.31 3.79 27.34
CA MET A 1 26.21 2.86 26.59
C MET A 1 25.43 1.88 25.73
N PHE A 2 26.08 1.38 24.67
CA PHE A 2 25.44 0.46 23.73
C PHE A 2 25.87 -1.00 23.80
N GLU A 3 27.03 -1.27 24.38
CA GLU A 3 27.55 -2.64 24.44
C GLU A 3 26.58 -3.76 24.84
N ASN A 4 25.53 -3.45 25.59
CA ASN A 4 24.61 -4.52 25.95
C ASN A 4 23.33 -4.55 25.14
N ILE A 5 23.23 -3.69 24.14
CA ILE A 5 22.04 -3.63 23.29
C ILE A 5 21.91 -4.95 22.52
N THR A 6 20.75 -5.57 22.65
CA THR A 6 20.49 -6.84 21.99
C THR A 6 20.06 -6.62 20.54
N ALA A 7 20.83 -7.18 19.62
CA ALA A 7 20.58 -7.07 18.18
C ALA A 7 19.15 -7.40 17.73
N ALA A 8 18.64 -6.58 16.81
CA ALA A 8 17.30 -6.74 16.28
C ALA A 8 17.19 -7.95 15.37
N PRO A 9 15.96 -8.44 15.16
CA PRO A 9 15.68 -9.60 14.30
C PRO A 9 15.67 -9.22 12.82
N ALA A 10 15.61 -10.23 11.96
CA ALA A 10 15.58 -10.00 10.52
C ALA A 10 14.18 -9.55 10.10
N ASP A 11 14.12 -8.56 9.20
CA ASP A 11 12.83 -8.07 8.75
C ASP A 11 12.15 -9.16 7.94
N PRO A 12 10.82 -9.32 8.12
CA PRO A 12 9.98 -10.32 7.44
C PRO A 12 9.92 -10.23 5.90
N ILE A 13 10.83 -9.47 5.31
CA ILE A 13 10.90 -9.26 3.85
C ILE A 13 12.38 -9.29 3.44
N LEU A 14 13.09 -8.27 3.91
CA LEU A 14 14.50 -8.05 3.62
C LEU A 14 15.46 -9.23 3.70
N GLY A 15 15.24 -10.15 4.64
CA GLY A 15 16.14 -11.30 4.77
C GLY A 15 16.31 -12.08 3.49
N LEU A 16 15.20 -12.30 2.80
CA LEU A 16 15.18 -13.04 1.54
C LEU A 16 16.18 -12.47 0.55
N ALA A 17 16.04 -11.17 0.31
CA ALA A 17 16.91 -10.45 -0.61
C ALA A 17 18.33 -10.97 -0.56
N ASP A 18 18.89 -11.01 0.64
CA ASP A 18 20.24 -11.45 0.85
C ASP A 18 20.53 -12.91 0.50
N LEU A 19 19.68 -13.83 0.93
CA LEU A 19 19.95 -15.23 0.59
C LEU A 19 19.69 -15.38 -0.91
N PHE A 20 18.94 -14.43 -1.46
CA PHE A 20 18.65 -14.42 -2.88
C PHE A 20 19.94 -14.02 -3.55
N ARG A 21 20.35 -12.77 -3.33
CA ARG A 21 21.58 -12.23 -3.89
C ARG A 21 22.81 -12.85 -3.25
N ALA A 22 22.85 -14.17 -3.34
CA ALA A 22 23.91 -14.98 -2.79
C ALA A 22 23.71 -16.38 -3.39
N ASP A 23 22.45 -16.77 -3.52
CA ASP A 23 22.10 -18.07 -4.07
C ASP A 23 22.85 -18.35 -5.37
N GLU A 24 23.93 -19.11 -5.25
CA GLU A 24 24.83 -19.48 -6.35
C GLU A 24 24.15 -20.02 -7.60
N ARG A 25 22.91 -20.47 -7.47
CA ARG A 25 22.16 -20.97 -8.62
C ARG A 25 21.53 -19.77 -9.29
N PRO A 26 22.11 -19.31 -10.40
CA PRO A 26 21.60 -18.14 -11.14
C PRO A 26 20.21 -18.36 -11.75
N GLY A 27 19.74 -19.60 -11.78
CA GLY A 27 18.43 -19.89 -12.33
C GLY A 27 17.31 -19.49 -11.39
N LYS A 28 17.69 -18.84 -10.29
CA LYS A 28 16.78 -18.38 -9.25
C LYS A 28 15.66 -17.45 -9.68
N ILE A 29 14.74 -17.19 -8.75
CA ILE A 29 13.56 -16.37 -8.96
C ILE A 29 13.22 -15.74 -7.61
N ASN A 30 12.89 -14.45 -7.58
CA ASN A 30 12.52 -13.81 -6.32
C ASN A 30 11.10 -13.32 -6.38
N LEU A 31 10.26 -13.87 -5.53
CA LEU A 31 8.86 -13.49 -5.48
C LEU A 31 8.47 -12.78 -4.18
N GLY A 32 9.47 -12.42 -3.38
CA GLY A 32 9.18 -11.75 -2.13
C GLY A 32 9.77 -10.35 -2.12
N ILE A 33 9.63 -9.68 -3.25
CA ILE A 33 10.17 -8.35 -3.45
C ILE A 33 9.27 -7.18 -3.06
N GLY A 34 7.98 -7.30 -3.31
CA GLY A 34 7.08 -6.22 -3.00
C GLY A 34 7.16 -5.04 -3.95
N VAL A 35 8.19 -5.06 -4.80
CA VAL A 35 8.41 -4.01 -5.79
C VAL A 35 8.07 -4.56 -7.17
N TYR A 36 7.67 -3.68 -8.08
CA TYR A 36 7.30 -4.09 -9.44
C TYR A 36 8.48 -4.34 -10.38
N LYS A 37 8.29 -5.30 -11.28
CA LYS A 37 9.30 -5.66 -12.27
C LYS A 37 8.59 -5.79 -13.60
N ASP A 38 9.25 -5.35 -14.67
CA ASP A 38 8.67 -5.43 -16.01
C ASP A 38 9.01 -6.77 -16.65
N GLU A 39 8.50 -7.01 -17.85
CA GLU A 39 8.76 -8.25 -18.60
C GLU A 39 10.24 -8.65 -18.61
N THR A 40 11.10 -7.66 -18.36
CA THR A 40 12.55 -7.80 -18.31
C THR A 40 13.03 -8.31 -16.96
N GLY A 41 12.34 -7.88 -15.91
CA GLY A 41 12.73 -8.26 -14.57
C GLY A 41 13.58 -7.10 -14.09
N LYS A 42 13.12 -5.89 -14.36
CA LYS A 42 13.82 -4.67 -13.99
C LYS A 42 12.75 -3.72 -13.44
N THR A 43 13.15 -2.82 -12.55
CA THR A 43 12.24 -1.86 -11.96
C THR A 43 12.65 -0.53 -12.55
N PRO A 44 12.21 -0.25 -13.77
CA PRO A 44 12.56 1.00 -14.46
C PRO A 44 11.94 2.23 -13.82
N VAL A 45 12.35 3.40 -14.29
CA VAL A 45 11.79 4.65 -13.79
C VAL A 45 10.86 5.12 -14.91
N LEU A 46 9.62 5.44 -14.54
CA LEU A 46 8.61 5.86 -15.51
C LEU A 46 9.06 7.01 -16.39
N THR A 47 8.78 6.87 -17.68
CA THR A 47 9.14 7.89 -18.66
C THR A 47 8.59 9.25 -18.23
N SER A 48 7.36 9.25 -17.72
CA SER A 48 6.74 10.48 -17.26
C SER A 48 7.53 11.11 -16.14
N VAL A 49 8.16 10.29 -15.30
CA VAL A 49 8.95 10.86 -14.22
C VAL A 49 10.27 11.35 -14.78
N LYS A 50 10.81 10.64 -15.76
CA LYS A 50 12.07 11.06 -16.40
C LYS A 50 11.86 12.42 -17.05
N LYS A 51 10.76 12.56 -17.76
CA LYS A 51 10.45 13.83 -18.42
C LYS A 51 10.23 14.86 -17.34
N ALA A 52 9.57 14.43 -16.27
CA ALA A 52 9.27 15.30 -15.16
C ALA A 52 10.55 15.77 -14.49
N GLU A 53 11.53 14.89 -14.36
CA GLU A 53 12.78 15.25 -13.71
C GLU A 53 13.63 16.21 -14.54
N GLN A 54 13.68 16.01 -15.87
CA GLN A 54 14.44 16.92 -16.73
C GLN A 54 13.78 18.29 -16.68
N TYR A 55 12.46 18.31 -16.61
CA TYR A 55 11.76 19.56 -16.53
C TYR A 55 12.21 20.33 -15.29
N LEU A 56 12.15 19.67 -14.14
CA LEU A 56 12.57 20.28 -12.88
C LEU A 56 14.04 20.68 -12.95
N LEU A 57 14.88 19.79 -13.47
CA LEU A 57 16.31 20.06 -13.60
C LEU A 57 16.54 21.36 -14.35
N GLU A 58 15.67 21.61 -15.32
CA GLU A 58 15.78 22.81 -16.13
C GLU A 58 15.14 24.00 -15.41
N ASN A 59 14.07 23.74 -14.68
CA ASN A 59 13.33 24.82 -14.00
C ASN A 59 13.54 25.23 -12.53
N GLU A 60 14.05 24.35 -11.68
CA GLU A 60 14.26 24.70 -10.28
C GLU A 60 15.27 25.82 -10.14
N THR A 61 14.98 26.76 -9.26
CA THR A 61 15.85 27.92 -9.04
C THR A 61 16.36 28.00 -7.61
N THR A 62 15.84 27.16 -6.74
CA THR A 62 16.22 27.16 -5.34
C THR A 62 15.83 25.84 -4.74
N LYS A 63 16.51 25.47 -3.66
CA LYS A 63 16.18 24.24 -2.97
C LYS A 63 15.78 24.58 -1.54
N ASN A 64 15.30 25.81 -1.39
CA ASN A 64 14.86 26.33 -0.10
C ASN A 64 13.73 25.42 0.40
N TYR A 65 13.58 25.38 1.72
CA TYR A 65 12.59 24.54 2.37
C TYR A 65 11.15 24.62 1.90
N LEU A 66 10.46 23.50 2.04
CA LEU A 66 9.07 23.39 1.68
C LEU A 66 8.30 23.65 2.97
N GLY A 67 7.00 23.90 2.87
CA GLY A 67 6.21 24.11 4.07
C GLY A 67 6.18 22.76 4.78
N ILE A 68 5.78 22.72 6.04
CA ILE A 68 5.73 21.45 6.76
C ILE A 68 4.82 20.46 6.03
N ASP A 69 3.85 20.99 5.31
CA ASP A 69 2.93 20.16 4.55
C ASP A 69 3.38 19.88 3.13
N GLY A 70 4.59 20.34 2.80
CA GLY A 70 5.14 20.13 1.47
C GLY A 70 4.62 21.11 0.45
N ILE A 71 4.58 20.67 -0.81
CA ILE A 71 4.11 21.49 -1.91
C ILE A 71 2.58 21.43 -2.12
N PRO A 72 1.92 22.60 -2.15
CA PRO A 72 0.48 22.76 -2.33
C PRO A 72 -0.10 22.00 -3.52
N GLU A 73 0.51 22.21 -4.69
CA GLU A 73 0.06 21.56 -5.92
C GLU A 73 0.00 20.04 -5.76
N PHE A 74 0.89 19.51 -4.92
CA PHE A 74 0.90 18.09 -4.67
C PHE A 74 -0.30 17.76 -3.80
N GLY A 75 -0.47 18.53 -2.72
CA GLY A 75 -1.58 18.35 -1.80
C GLY A 75 -2.95 18.32 -2.47
N ARG A 76 -3.27 19.37 -3.23
CA ARG A 76 -4.55 19.46 -3.94
C ARG A 76 -4.78 18.30 -4.91
N CYS A 77 -3.70 17.84 -5.53
CA CYS A 77 -3.79 16.74 -6.48
C CYS A 77 -4.13 15.44 -5.79
N THR A 78 -3.40 15.09 -4.73
CA THR A 78 -3.67 13.84 -4.03
C THR A 78 -5.13 13.89 -3.58
N GLN A 79 -5.54 15.05 -3.05
CA GLN A 79 -6.92 15.24 -2.60
C GLN A 79 -7.90 14.87 -3.70
N GLU A 80 -7.66 15.36 -4.91
CA GLU A 80 -8.52 15.04 -6.03
C GLU A 80 -8.41 13.59 -6.45
N LEU A 81 -7.23 13.00 -6.24
CA LEU A 81 -7.06 11.60 -6.60
C LEU A 81 -7.84 10.72 -5.64
N LEU A 82 -7.80 11.08 -4.36
CA LEU A 82 -8.50 10.33 -3.33
C LEU A 82 -10.02 10.48 -3.38
N PHE A 83 -10.49 11.70 -3.15
CA PHE A 83 -11.92 12.01 -3.08
C PHE A 83 -12.61 12.39 -4.37
N GLY A 84 -11.85 12.47 -5.45
CA GLY A 84 -12.47 12.86 -6.69
C GLY A 84 -12.43 14.35 -6.88
N LYS A 85 -13.14 14.82 -7.91
CA LYS A 85 -13.18 16.23 -8.24
C LYS A 85 -14.25 17.05 -7.51
N GLY A 86 -15.51 16.76 -7.79
CA GLY A 86 -16.59 17.50 -7.14
C GLY A 86 -16.84 17.09 -5.71
N SER A 87 -15.81 16.56 -5.06
CA SER A 87 -15.93 16.12 -3.69
C SER A 87 -16.17 17.29 -2.74
N ALA A 88 -17.31 17.26 -2.08
CA ALA A 88 -17.65 18.30 -1.11
C ALA A 88 -16.48 18.44 -0.15
N LEU A 89 -15.87 17.30 0.20
CA LEU A 89 -14.72 17.25 1.10
C LEU A 89 -13.77 18.36 0.70
N ILE A 90 -13.53 18.45 -0.60
CA ILE A 90 -12.64 19.45 -1.16
C ILE A 90 -13.31 20.81 -1.24
N ASN A 91 -14.52 20.86 -1.77
CA ASN A 91 -15.23 22.11 -1.94
C ASN A 91 -15.55 22.86 -0.64
N ASP A 92 -15.66 22.13 0.46
CA ASP A 92 -15.96 22.73 1.76
C ASP A 92 -14.69 22.97 2.55
N LYS A 93 -13.58 22.46 2.01
CA LYS A 93 -12.27 22.57 2.64
C LYS A 93 -12.12 21.89 3.99
N ARG A 94 -12.65 20.66 4.07
CA ARG A 94 -12.59 19.88 5.29
C ARG A 94 -11.66 18.68 5.07
N ALA A 95 -10.50 18.97 4.47
CA ALA A 95 -9.48 17.97 4.16
C ALA A 95 -8.19 18.75 4.07
N ARG A 96 -7.14 18.26 4.69
CA ARG A 96 -5.86 18.93 4.62
C ARG A 96 -4.82 17.85 4.43
N THR A 97 -4.01 18.04 3.39
CA THR A 97 -2.97 17.09 3.02
C THR A 97 -1.56 17.59 3.31
N ALA A 98 -0.72 16.67 3.77
CA ALA A 98 0.67 16.96 4.10
C ALA A 98 1.57 15.97 3.37
N GLN A 99 2.54 16.51 2.64
CA GLN A 99 3.47 15.68 1.91
C GLN A 99 4.36 15.02 2.96
N THR A 100 4.43 13.69 2.93
CA THR A 100 5.22 12.95 3.91
C THR A 100 6.23 12.05 3.18
N PRO A 101 7.27 11.61 3.89
CA PRO A 101 8.31 10.74 3.33
C PRO A 101 7.83 9.31 3.05
N GLY A 102 6.85 9.17 2.19
CA GLY A 102 6.33 7.86 1.85
C GLY A 102 5.07 7.49 2.62
N GLY A 103 4.43 6.39 2.21
CA GLY A 103 3.24 5.93 2.87
C GLY A 103 3.52 5.65 4.34
N THR A 104 4.70 5.10 4.60
CA THR A 104 5.11 4.79 5.97
C THR A 104 5.16 6.06 6.78
N GLY A 105 5.78 7.10 6.23
CA GLY A 105 5.89 8.36 6.93
C GLY A 105 4.51 8.96 7.19
N ALA A 106 3.59 8.70 6.28
CA ALA A 106 2.24 9.20 6.42
C ALA A 106 1.59 8.47 7.59
N LEU A 107 1.82 7.16 7.65
CA LEU A 107 1.28 6.33 8.72
C LEU A 107 1.84 6.76 10.07
N ARG A 108 3.16 6.83 10.17
CA ARG A 108 3.81 7.23 11.39
C ARG A 108 3.40 8.62 11.88
N VAL A 109 3.17 9.57 10.97
CA VAL A 109 2.77 10.91 11.40
C VAL A 109 1.30 10.94 11.81
N ALA A 110 0.48 10.10 11.18
CA ALA A 110 -0.93 10.02 11.54
C ALA A 110 -0.90 9.41 12.94
N ALA A 111 0.03 8.49 13.13
CA ALA A 111 0.22 7.82 14.39
C ALA A 111 0.57 8.87 15.44
N ASP A 112 1.76 9.44 15.35
CA ASP A 112 2.21 10.46 16.30
C ASP A 112 1.18 11.57 16.49
N PHE A 113 0.35 11.81 15.49
CA PHE A 113 -0.66 12.84 15.62
C PHE A 113 -1.65 12.31 16.62
N LEU A 114 -2.35 11.26 16.21
CA LEU A 114 -3.36 10.58 17.02
C LEU A 114 -2.87 10.28 18.44
N ALA A 115 -1.77 9.55 18.53
CA ALA A 115 -1.18 9.16 19.81
C ALA A 115 -0.83 10.31 20.75
N LYS A 116 -0.82 11.54 20.25
CA LYS A 116 -0.45 12.69 21.08
C LYS A 116 -1.49 13.82 21.06
N ASN A 117 -2.69 13.53 20.58
CA ASN A 117 -3.73 14.55 20.51
C ASN A 117 -5.12 13.97 20.65
N THR A 118 -5.20 12.64 20.77
CA THR A 118 -6.49 12.00 20.94
C THR A 118 -6.34 10.80 21.86
N SER A 119 -7.46 10.33 22.36
CA SER A 119 -7.51 9.19 23.26
C SER A 119 -7.39 7.85 22.54
N VAL A 120 -7.04 7.86 21.25
CA VAL A 120 -6.93 6.62 20.50
C VAL A 120 -5.78 5.80 21.06
N LYS A 121 -6.10 4.63 21.58
CA LYS A 121 -5.07 3.79 22.16
C LYS A 121 -4.76 2.57 21.32
N ARG A 122 -5.76 2.06 20.61
CA ARG A 122 -5.55 0.88 19.80
C ARG A 122 -5.95 1.12 18.36
N VAL A 123 -5.26 0.43 17.46
CA VAL A 123 -5.55 0.54 16.04
C VAL A 123 -5.75 -0.87 15.55
N TRP A 124 -6.91 -1.11 14.94
CA TRP A 124 -7.26 -2.41 14.41
C TRP A 124 -6.66 -2.69 13.02
N VAL A 125 -5.58 -3.47 13.00
CA VAL A 125 -4.92 -3.87 11.77
C VAL A 125 -5.57 -5.19 11.42
N SER A 126 -5.64 -5.55 10.14
CA SER A 126 -6.26 -6.83 9.78
C SER A 126 -5.29 -8.03 9.84
N ASN A 127 -5.86 -9.22 9.76
CA ASN A 127 -5.09 -10.44 9.80
C ASN A 127 -5.26 -11.16 8.47
N PRO A 128 -4.19 -11.15 7.63
CA PRO A 128 -2.92 -10.48 7.94
C PRO A 128 -2.87 -9.09 7.33
N SER A 129 -1.72 -8.45 7.44
CA SER A 129 -1.50 -7.10 6.90
C SER A 129 -0.01 -6.84 6.71
N TRP A 130 0.29 -5.71 6.08
CA TRP A 130 1.67 -5.28 5.86
C TRP A 130 2.28 -5.26 7.28
N PRO A 131 3.30 -6.12 7.53
CA PRO A 131 4.01 -6.27 8.80
C PRO A 131 4.50 -4.99 9.47
N ASN A 132 4.98 -4.03 8.70
CA ASN A 132 5.48 -2.79 9.28
C ASN A 132 4.40 -1.94 9.94
N HIS A 133 3.14 -2.22 9.65
CA HIS A 133 2.01 -1.49 10.24
C HIS A 133 2.13 -1.45 11.77
N LYS A 134 2.14 -2.64 12.36
CA LYS A 134 2.26 -2.81 13.79
C LYS A 134 3.45 -2.03 14.34
N SER A 135 4.63 -2.28 13.79
CA SER A 135 5.85 -1.60 14.23
C SER A 135 5.68 -0.08 14.22
N VAL A 136 4.97 0.41 13.20
CA VAL A 136 4.75 1.85 13.05
C VAL A 136 3.92 2.30 14.23
N PHE A 137 2.71 1.77 14.29
CA PHE A 137 1.76 2.09 15.35
C PHE A 137 2.35 1.89 16.74
N ASN A 138 2.91 0.72 17.01
CA ASN A 138 3.51 0.45 18.30
C ASN A 138 4.58 1.48 18.64
N SER A 139 5.31 1.96 17.64
CA SER A 139 6.34 2.96 17.89
C SER A 139 5.71 4.29 18.29
N ALA A 140 4.45 4.47 17.94
CA ALA A 140 3.74 5.69 18.32
C ALA A 140 3.28 5.50 19.76
N GLY A 141 3.27 4.23 20.18
CA GLY A 141 2.87 3.87 21.53
C GLY A 141 1.48 3.27 21.54
N LEU A 142 0.83 3.26 20.39
CA LEU A 142 -0.52 2.73 20.29
C LEU A 142 -0.46 1.21 20.17
N GLU A 143 -1.56 0.56 20.54
CA GLU A 143 -1.62 -0.88 20.49
C GLU A 143 -2.26 -1.36 19.20
N VAL A 144 -1.79 -2.50 18.71
CA VAL A 144 -2.32 -3.06 17.47
C VAL A 144 -3.22 -4.26 17.75
N ARG A 145 -4.51 -4.08 17.50
CA ARG A 145 -5.47 -5.17 17.66
C ARG A 145 -5.56 -5.79 16.27
N GLU A 146 -6.14 -6.99 16.17
CA GLU A 146 -6.27 -7.65 14.87
C GLU A 146 -7.67 -8.17 14.58
N TYR A 147 -8.26 -7.70 13.49
CA TYR A 147 -9.57 -8.20 13.12
C TYR A 147 -9.36 -9.24 12.03
N ALA A 148 -10.13 -10.31 12.07
CA ALA A 148 -10.00 -11.37 11.08
C ALA A 148 -10.23 -10.82 9.69
N TYR A 149 -9.73 -11.52 8.67
CA TYR A 149 -9.89 -11.05 7.30
C TYR A 149 -9.85 -12.17 6.25
N TYR A 150 -8.70 -12.82 6.14
CA TYR A 150 -8.49 -13.89 5.18
C TYR A 150 -9.23 -15.15 5.59
N ASP A 151 -9.58 -15.97 4.61
CA ASP A 151 -10.28 -17.22 4.83
C ASP A 151 -9.38 -18.31 4.25
N ALA A 152 -8.35 -18.68 5.01
CA ALA A 152 -7.37 -19.69 4.60
C ALA A 152 -7.89 -20.83 3.74
N GLU A 153 -9.09 -21.31 4.06
CA GLU A 153 -9.71 -22.39 3.32
C GLU A 153 -10.21 -21.98 1.95
N ASN A 154 -11.16 -21.06 1.93
CA ASN A 154 -11.76 -20.60 0.67
C ASN A 154 -10.98 -19.52 -0.06
N HIS A 155 -9.91 -19.03 0.56
CA HIS A 155 -9.06 -17.97 0.00
C HIS A 155 -9.96 -16.79 -0.35
N THR A 156 -10.49 -16.13 0.66
CA THR A 156 -11.37 -15.02 0.44
C THR A 156 -11.55 -14.11 1.66
N LEU A 157 -12.36 -13.08 1.48
CA LEU A 157 -12.67 -12.10 2.50
C LEU A 157 -13.77 -12.60 3.40
N ASP A 158 -13.39 -13.15 4.54
CA ASP A 158 -14.35 -13.68 5.50
C ASP A 158 -15.04 -12.47 6.15
N PHE A 159 -16.04 -11.93 5.45
CA PHE A 159 -16.75 -10.76 5.94
C PHE A 159 -17.33 -10.98 7.31
N ASP A 160 -17.93 -12.16 7.52
CA ASP A 160 -18.52 -12.50 8.81
C ASP A 160 -17.51 -12.30 9.92
N ALA A 161 -16.46 -13.11 9.91
CA ALA A 161 -15.41 -13.02 10.93
C ALA A 161 -14.91 -11.59 11.05
N LEU A 162 -14.93 -10.87 9.94
CA LEU A 162 -14.47 -9.48 9.88
C LEU A 162 -15.36 -8.58 10.76
N ILE A 163 -16.62 -8.39 10.38
CA ILE A 163 -17.51 -7.53 11.18
C ILE A 163 -17.53 -8.06 12.60
N ASN A 164 -17.47 -9.37 12.72
CA ASN A 164 -17.46 -10.08 14.00
C ASN A 164 -16.36 -9.58 14.92
N SER A 165 -15.11 -9.70 14.48
CA SER A 165 -13.98 -9.26 15.29
C SER A 165 -14.01 -7.77 15.58
N LEU A 166 -14.52 -6.98 14.64
CA LEU A 166 -14.59 -5.54 14.81
C LEU A 166 -15.48 -5.04 15.93
N ASN A 167 -16.54 -5.79 16.23
CA ASN A 167 -17.46 -5.39 17.30
C ASN A 167 -16.77 -5.29 18.66
N GLU A 168 -15.69 -6.05 18.82
CA GLU A 168 -14.91 -6.05 20.05
C GLU A 168 -14.13 -4.73 20.15
N ALA A 169 -14.31 -3.88 19.16
CA ALA A 169 -13.65 -2.58 19.12
C ALA A 169 -14.59 -1.55 19.71
N GLN A 170 -14.05 -0.71 20.59
CA GLN A 170 -14.82 0.32 21.26
C GLN A 170 -14.91 1.57 20.41
N ALA A 171 -16.02 2.29 20.53
CA ALA A 171 -16.20 3.53 19.79
C ALA A 171 -15.02 4.40 20.23
N GLY A 172 -14.11 4.69 19.30
CA GLY A 172 -12.96 5.49 19.67
C GLY A 172 -11.66 4.91 19.15
N ASP A 173 -11.73 3.68 18.65
CA ASP A 173 -10.56 3.00 18.11
C ASP A 173 -10.37 3.33 16.64
N VAL A 174 -9.12 3.29 16.20
CA VAL A 174 -8.81 3.55 14.81
C VAL A 174 -8.78 2.19 14.14
N VAL A 175 -9.58 2.03 13.10
CA VAL A 175 -9.60 0.78 12.36
C VAL A 175 -8.89 1.06 11.02
N LEU A 176 -7.81 0.32 10.78
CA LEU A 176 -6.97 0.47 9.59
C LEU A 176 -7.46 -0.35 8.40
N PHE A 177 -7.88 0.33 7.35
CA PHE A 177 -8.33 -0.33 6.14
C PHE A 177 -7.28 -0.20 5.02
N HIS A 178 -7.43 -1.00 3.97
CA HIS A 178 -6.54 -0.96 2.81
C HIS A 178 -7.46 -0.56 1.67
N GLY A 179 -7.22 0.62 1.09
CA GLY A 179 -8.07 1.11 0.01
C GLY A 179 -8.30 0.13 -1.13
N CYS A 180 -7.23 -0.54 -1.55
CA CYS A 180 -7.30 -1.54 -2.62
C CYS A 180 -6.02 -2.35 -2.60
N CYS A 181 -6.04 -3.50 -3.25
CA CYS A 181 -4.88 -4.38 -3.33
C CYS A 181 -4.37 -4.71 -1.93
N HIS A 182 -5.24 -5.32 -1.13
CA HIS A 182 -4.89 -5.68 0.25
C HIS A 182 -3.57 -6.43 0.38
N ASN A 183 -2.55 -5.75 0.89
CA ASN A 183 -1.27 -6.42 1.09
C ASN A 183 -1.51 -7.16 2.40
N PRO A 184 -1.27 -8.49 2.44
CA PRO A 184 -0.78 -9.39 1.39
C PRO A 184 -1.79 -10.37 0.78
N THR A 185 -3.03 -10.35 1.21
CA THR A 185 -4.01 -11.30 0.68
C THR A 185 -4.36 -11.05 -0.77
N GLY A 186 -4.43 -9.77 -1.12
CA GLY A 186 -4.81 -9.39 -2.48
C GLY A 186 -6.31 -9.50 -2.61
N ILE A 187 -6.98 -9.71 -1.48
CA ILE A 187 -8.45 -9.84 -1.45
C ILE A 187 -9.02 -8.52 -0.98
N ASP A 188 -10.04 -8.01 -1.66
CA ASP A 188 -10.62 -6.71 -1.32
C ASP A 188 -12.12 -6.72 -1.21
N PRO A 189 -12.65 -5.88 -0.31
CA PRO A 189 -14.08 -5.72 -0.06
C PRO A 189 -14.77 -5.18 -1.29
N THR A 190 -15.91 -5.76 -1.64
CA THR A 190 -16.66 -5.29 -2.80
C THR A 190 -17.32 -3.96 -2.42
N LEU A 191 -17.64 -3.14 -3.42
CA LEU A 191 -18.28 -1.85 -3.17
C LEU A 191 -19.42 -1.98 -2.15
N GLU A 192 -20.04 -3.15 -2.13
CA GLU A 192 -21.15 -3.41 -1.23
C GLU A 192 -20.72 -3.73 0.19
N GLN A 193 -19.62 -4.49 0.34
CA GLN A 193 -19.11 -4.81 1.66
C GLN A 193 -18.55 -3.54 2.27
N TRP A 194 -17.97 -2.68 1.43
CA TRP A 194 -17.40 -1.41 1.88
C TRP A 194 -18.49 -0.52 2.45
N GLN A 195 -19.55 -0.33 1.67
CA GLN A 195 -20.67 0.53 2.06
C GLN A 195 -21.25 0.08 3.39
N THR A 196 -21.49 -1.21 3.54
CA THR A 196 -22.03 -1.72 4.80
C THR A 196 -20.96 -1.52 5.88
N LEU A 197 -19.74 -1.92 5.57
CA LEU A 197 -18.59 -1.80 6.47
C LEU A 197 -18.34 -0.33 6.84
N ALA A 198 -18.91 0.59 6.05
CA ALA A 198 -18.75 2.03 6.30
C ALA A 198 -19.85 2.55 7.20
N GLN A 199 -21.08 2.11 6.92
CA GLN A 199 -22.26 2.48 7.69
C GLN A 199 -22.16 1.89 9.09
N LEU A 200 -21.66 0.66 9.16
CA LEU A 200 -21.47 -0.04 10.43
C LEU A 200 -20.28 0.61 11.14
N SER A 201 -19.51 1.40 10.40
CA SER A 201 -18.35 2.09 10.94
C SER A 201 -18.75 3.39 11.64
N VAL A 202 -19.80 4.05 11.14
CA VAL A 202 -20.26 5.31 11.73
C VAL A 202 -21.07 5.01 12.99
N GLU A 203 -21.87 3.94 12.92
CA GLU A 203 -22.73 3.46 13.99
C GLU A 203 -21.94 3.11 15.26
N LYS A 204 -20.83 2.40 15.09
CA LYS A 204 -19.96 2.00 16.19
C LYS A 204 -18.97 3.09 16.55
N GLY A 205 -18.80 4.06 15.65
CA GLY A 205 -17.88 5.16 15.87
C GLY A 205 -16.42 4.78 15.75
N TRP A 206 -16.03 4.25 14.59
CA TRP A 206 -14.63 3.87 14.36
C TRP A 206 -13.93 5.11 13.81
N LEU A 207 -12.60 5.15 13.90
CA LEU A 207 -11.82 6.25 13.31
C LEU A 207 -11.11 5.53 12.16
N PRO A 208 -11.57 5.73 10.91
CA PRO A 208 -10.95 5.07 9.76
C PRO A 208 -9.62 5.66 9.35
N LEU A 209 -8.64 4.78 9.14
CA LEU A 209 -7.32 5.19 8.72
C LEU A 209 -7.05 4.29 7.52
N PHE A 210 -7.22 4.85 6.33
CA PHE A 210 -7.01 4.15 5.06
C PHE A 210 -5.56 4.17 4.61
N ASP A 211 -5.01 2.99 4.39
CA ASP A 211 -3.65 2.89 3.89
C ASP A 211 -3.90 2.70 2.40
N PHE A 212 -3.65 3.75 1.64
CA PHE A 212 -3.88 3.71 0.20
C PHE A 212 -2.51 3.77 -0.47
N ALA A 213 -2.02 2.63 -0.95
CA ALA A 213 -0.71 2.60 -1.57
C ALA A 213 -0.58 1.93 -2.94
N TYR A 214 -1.64 1.27 -3.40
CA TYR A 214 -1.58 0.60 -4.70
C TYR A 214 -2.73 1.09 -5.56
N GLN A 215 -3.05 2.37 -5.43
CA GLN A 215 -4.14 2.95 -6.20
C GLN A 215 -3.80 2.88 -7.68
N GLY A 216 -4.67 2.23 -8.45
CA GLY A 216 -4.46 2.08 -9.87
C GLY A 216 -4.10 0.65 -10.23
N PHE A 217 -3.77 -0.18 -9.23
CA PHE A 217 -3.40 -1.58 -9.49
C PHE A 217 -4.51 -2.63 -9.46
N ALA A 218 -5.73 -2.23 -9.09
CA ALA A 218 -6.83 -3.18 -9.04
C ALA A 218 -7.69 -3.03 -10.29
N ARG A 219 -8.33 -1.88 -10.43
CA ARG A 219 -9.18 -1.63 -11.58
C ARG A 219 -8.79 -0.34 -12.31
N GLY A 220 -8.31 0.63 -11.55
CA GLY A 220 -7.92 1.89 -12.12
C GLY A 220 -7.98 2.95 -11.04
N LEU A 221 -7.41 4.12 -11.32
CA LEU A 221 -7.39 5.23 -10.37
C LEU A 221 -8.73 5.58 -9.75
N GLU A 222 -9.76 5.74 -10.58
CA GLU A 222 -11.09 6.10 -10.08
C GLU A 222 -11.76 4.99 -9.29
N GLU A 223 -11.83 3.81 -9.89
CA GLU A 223 -12.46 2.66 -9.27
C GLU A 223 -11.81 2.32 -7.94
N ASP A 224 -10.49 2.23 -7.96
CA ASP A 224 -9.76 1.89 -6.74
C ASP A 224 -10.03 2.76 -5.52
N ALA A 225 -10.69 3.90 -5.71
CA ALA A 225 -10.97 4.78 -4.60
C ALA A 225 -12.43 4.75 -4.14
N GLU A 226 -13.31 4.14 -4.91
CA GLU A 226 -14.73 4.10 -4.56
C GLU A 226 -15.00 3.63 -3.13
N GLY A 227 -14.04 2.90 -2.56
CA GLY A 227 -14.18 2.42 -1.20
C GLY A 227 -13.97 3.58 -0.25
N LEU A 228 -12.74 4.12 -0.25
CA LEU A 228 -12.40 5.25 0.60
C LEU A 228 -13.49 6.31 0.47
N ARG A 229 -13.88 6.56 -0.76
CA ARG A 229 -14.91 7.52 -1.07
C ARG A 229 -16.23 7.18 -0.40
N ALA A 230 -16.57 5.90 -0.30
CA ALA A 230 -17.81 5.47 0.33
C ALA A 230 -17.76 5.84 1.83
N PHE A 231 -16.63 5.54 2.47
CA PHE A 231 -16.43 5.85 3.88
C PHE A 231 -16.43 7.38 4.09
N ALA A 232 -15.86 8.10 3.12
CA ALA A 232 -15.76 9.54 3.18
C ALA A 232 -17.07 10.27 2.91
N ALA A 233 -18.12 9.51 2.59
CA ALA A 233 -19.43 10.11 2.34
C ALA A 233 -20.18 10.07 3.66
N MET A 234 -20.05 8.94 4.35
CA MET A 234 -20.69 8.71 5.63
C MET A 234 -19.97 9.37 6.80
N HIS A 235 -18.64 9.31 6.79
CA HIS A 235 -17.86 9.87 7.87
C HIS A 235 -17.58 11.36 7.77
N LYS A 236 -17.47 12.01 8.93
CA LYS A 236 -17.20 13.43 8.96
C LYS A 236 -15.73 13.64 9.30
N GLU A 237 -15.08 12.56 9.71
CA GLU A 237 -13.67 12.64 10.05
C GLU A 237 -13.00 11.34 9.64
N LEU A 238 -11.77 11.43 9.15
CA LEU A 238 -11.00 10.27 8.75
C LEU A 238 -9.58 10.68 8.36
N ILE A 239 -8.72 9.69 8.26
CA ILE A 239 -7.34 9.92 7.89
C ILE A 239 -6.98 8.95 6.79
N VAL A 240 -6.25 9.43 5.80
CA VAL A 240 -5.83 8.56 4.72
C VAL A 240 -4.36 8.80 4.44
N ALA A 241 -3.61 7.71 4.45
CA ALA A 241 -2.19 7.76 4.19
C ALA A 241 -1.97 7.13 2.81
N SER A 242 -1.66 7.97 1.82
CA SER A 242 -1.43 7.50 0.46
C SER A 242 0.07 7.43 0.13
N SER A 243 0.43 6.46 -0.71
CA SER A 243 1.81 6.26 -1.12
C SER A 243 1.93 6.29 -2.64
N TYR A 244 2.84 7.13 -3.14
CA TYR A 244 3.08 7.26 -4.57
C TYR A 244 4.31 6.45 -4.96
N SER A 245 4.76 5.59 -4.06
CA SER A 245 5.93 4.78 -4.31
C SER A 245 5.74 3.67 -5.35
N LYS A 246 4.53 3.12 -5.45
CA LYS A 246 4.26 2.06 -6.40
C LYS A 246 3.80 2.54 -7.77
N ASN A 247 2.67 3.24 -7.80
CA ASN A 247 2.07 3.73 -9.04
C ASN A 247 2.81 4.80 -9.85
N PHE A 248 3.82 5.41 -9.27
CA PHE A 248 4.62 6.41 -9.97
C PHE A 248 6.05 5.90 -9.97
N GLY A 249 6.24 4.65 -9.54
CA GLY A 249 7.55 4.03 -9.50
C GLY A 249 8.60 4.83 -8.74
N LEU A 250 8.16 5.78 -7.92
CA LEU A 250 9.07 6.63 -7.17
C LEU A 250 9.54 6.04 -5.84
N TYR A 251 9.49 4.71 -5.72
CA TYR A 251 9.89 4.00 -4.51
C TYR A 251 10.82 4.75 -3.56
N ASN A 252 12.09 4.87 -3.94
CA ASN A 252 13.10 5.48 -3.08
C ASN A 252 13.13 7.00 -2.89
N GLU A 253 12.21 7.73 -3.52
CA GLU A 253 12.21 9.17 -3.33
C GLU A 253 11.31 9.55 -2.16
N ARG A 254 10.66 8.53 -1.60
CA ARG A 254 9.76 8.67 -0.46
C ARG A 254 8.66 9.69 -0.73
N VAL A 255 7.73 9.30 -1.57
CA VAL A 255 6.64 10.19 -1.90
C VAL A 255 5.33 9.57 -1.40
N GLY A 256 4.63 10.33 -0.58
CA GLY A 256 3.36 9.90 -0.04
C GLY A 256 2.69 11.08 0.63
N ALA A 257 1.51 10.85 1.19
CA ALA A 257 0.78 11.91 1.85
C ALA A 257 -0.14 11.43 2.96
N CYS A 258 -0.36 12.28 3.95
CA CYS A 258 -1.25 11.98 5.05
C CYS A 258 -2.36 13.02 5.00
N THR A 259 -3.50 12.62 4.46
CA THR A 259 -4.65 13.50 4.34
C THR A 259 -5.48 13.39 5.61
N LEU A 260 -6.04 14.51 6.05
CA LEU A 260 -6.85 14.59 7.25
C LEU A 260 -8.19 15.21 6.94
N VAL A 261 -9.27 14.51 7.23
CA VAL A 261 -10.60 15.03 6.99
C VAL A 261 -11.29 15.21 8.33
N ALA A 262 -11.90 16.38 8.52
CA ALA A 262 -12.63 16.69 9.74
C ALA A 262 -14.00 17.17 9.32
N ALA A 263 -14.87 17.44 10.28
CA ALA A 263 -16.23 17.87 9.99
C ALA A 263 -16.34 19.15 9.16
N ASP A 264 -15.43 20.07 9.39
CA ASP A 264 -15.45 21.35 8.69
C ASP A 264 -14.10 22.04 8.63
N SER A 265 -14.02 23.08 7.80
CA SER A 265 -12.82 23.87 7.59
C SER A 265 -12.11 24.26 8.87
N GLU A 266 -12.86 24.82 9.82
CA GLU A 266 -12.26 25.26 11.08
C GLU A 266 -11.64 24.15 11.93
N THR A 267 -12.32 23.02 12.04
CA THR A 267 -11.80 21.92 12.85
C THR A 267 -10.60 21.25 12.19
N VAL A 268 -10.65 21.06 10.87
CA VAL A 268 -9.55 20.44 10.12
C VAL A 268 -8.30 21.31 10.17
N ASP A 269 -8.45 22.62 10.00
CA ASP A 269 -7.32 23.54 10.06
C ASP A 269 -6.75 23.55 11.47
N ARG A 270 -7.63 23.43 12.46
CA ARG A 270 -7.19 23.41 13.86
C ARG A 270 -6.39 22.13 14.16
N ALA A 271 -6.95 20.98 13.78
CA ALA A 271 -6.27 19.71 14.02
C ALA A 271 -4.98 19.58 13.20
N PHE A 272 -5.05 19.93 11.92
CA PHE A 272 -3.92 19.84 11.01
C PHE A 272 -2.69 20.56 11.51
N SER A 273 -2.89 21.69 12.20
CA SER A 273 -1.76 22.45 12.73
C SER A 273 -0.99 21.57 13.69
N GLN A 274 -1.73 20.75 14.43
CA GLN A 274 -1.12 19.82 15.37
C GLN A 274 -0.43 18.72 14.57
N MET A 275 -1.02 18.33 13.44
CA MET A 275 -0.40 17.31 12.60
C MET A 275 0.92 17.86 12.10
N LYS A 276 0.96 19.16 11.84
CA LYS A 276 2.16 19.81 11.36
C LYS A 276 3.24 19.74 12.42
N ALA A 277 2.88 20.08 13.66
CA ALA A 277 3.84 20.04 14.77
C ALA A 277 4.45 18.65 14.94
N ALA A 278 3.69 17.61 14.60
CA ALA A 278 4.16 16.23 14.70
C ALA A 278 5.26 15.97 13.67
N ILE A 279 5.15 16.65 12.53
CA ILE A 279 6.10 16.54 11.42
C ILE A 279 7.37 17.34 11.69
N ARG A 280 7.23 18.58 12.14
CA ARG A 280 8.37 19.42 12.45
C ARG A 280 9.25 18.75 13.48
N ALA A 281 8.62 17.96 14.36
CA ALA A 281 9.33 17.25 15.41
C ALA A 281 9.93 15.94 14.88
N ASN A 282 9.45 15.49 13.73
CA ASN A 282 9.96 14.26 13.14
C ASN A 282 11.10 14.51 12.15
N TYR A 283 10.79 15.22 11.07
CA TYR A 283 11.80 15.51 10.04
C TYR A 283 11.74 16.93 9.49
N SER A 284 11.00 17.79 10.16
CA SER A 284 10.86 19.20 9.80
C SER A 284 9.99 19.41 8.58
N ASN A 285 10.52 19.15 7.39
CA ASN A 285 9.79 19.32 6.14
C ASN A 285 10.09 18.12 5.24
N PRO A 286 9.23 17.85 4.25
CA PRO A 286 9.40 16.72 3.32
C PRO A 286 10.37 16.90 2.15
N PRO A 287 10.91 15.78 1.61
CA PRO A 287 11.84 15.85 0.48
C PRO A 287 11.10 16.27 -0.79
N ALA A 288 11.47 17.43 -1.29
CA ALA A 288 10.85 18.03 -2.46
C ALA A 288 10.82 17.17 -3.72
N HIS A 289 11.96 16.64 -4.12
CA HIS A 289 12.04 15.87 -5.35
C HIS A 289 10.85 15.00 -5.80
N GLY A 290 10.71 13.83 -5.18
CA GLY A 290 9.63 12.92 -5.55
C GLY A 290 8.29 13.61 -5.69
N ALA A 291 8.00 14.55 -4.79
CA ALA A 291 6.74 15.25 -4.83
C ALA A 291 6.65 16.24 -5.99
N SER A 292 7.74 16.94 -6.31
CA SER A 292 7.72 17.89 -7.42
C SER A 292 7.40 17.11 -8.68
N VAL A 293 8.03 15.95 -8.80
CA VAL A 293 7.80 15.09 -9.95
C VAL A 293 6.31 14.78 -10.03
N VAL A 294 5.76 14.22 -8.94
CA VAL A 294 4.35 13.85 -8.89
C VAL A 294 3.36 15.01 -9.08
N ALA A 295 3.76 16.21 -8.65
CA ALA A 295 2.88 17.37 -8.79
C ALA A 295 2.79 17.78 -10.25
N THR A 296 3.95 18.02 -10.89
CA THR A 296 3.96 18.42 -12.30
C THR A 296 3.29 17.39 -13.21
N ILE A 297 3.62 16.11 -13.05
CA ILE A 297 3.04 15.07 -13.88
C ILE A 297 1.52 15.18 -13.83
N LEU A 298 0.98 15.16 -12.62
CA LEU A 298 -0.46 15.23 -12.40
C LEU A 298 -1.11 16.52 -12.85
N SER A 299 -0.34 17.59 -12.91
CA SER A 299 -0.86 18.89 -13.32
C SER A 299 -0.63 19.16 -14.81
N ASN A 300 0.14 18.28 -15.46
CA ASN A 300 0.41 18.42 -16.89
C ASN A 300 -0.48 17.42 -17.63
N ASP A 301 -1.40 17.92 -18.43
CA ASP A 301 -2.32 17.07 -19.17
C ASP A 301 -1.64 16.10 -20.11
N ALA A 302 -0.49 16.49 -20.63
CA ALA A 302 0.27 15.65 -21.54
C ALA A 302 1.02 14.59 -20.76
N LEU A 303 1.84 15.02 -19.81
CA LEU A 303 2.64 14.13 -18.97
C LEU A 303 1.77 13.20 -18.12
N ARG A 304 0.60 13.66 -17.73
CA ARG A 304 -0.28 12.81 -16.94
C ARG A 304 -0.83 11.70 -17.82
N ALA A 305 -1.16 12.04 -19.06
CA ALA A 305 -1.71 11.06 -20.02
C ALA A 305 -0.73 9.90 -20.19
N ILE A 306 0.55 10.23 -20.22
CA ILE A 306 1.58 9.23 -20.37
C ILE A 306 1.62 8.37 -19.10
N TRP A 307 1.73 9.02 -17.94
CA TRP A 307 1.76 8.34 -16.65
C TRP A 307 0.58 7.36 -16.58
N GLU A 308 -0.64 7.87 -16.74
CA GLU A 308 -1.83 7.03 -16.71
C GLU A 308 -1.66 5.80 -17.60
N GLN A 309 -1.13 5.99 -18.80
CA GLN A 309 -0.93 4.88 -19.69
C GLN A 309 0.11 3.91 -19.16
N GLU A 310 1.18 4.44 -18.57
CA GLU A 310 2.24 3.61 -18.03
C GLU A 310 1.71 2.76 -16.89
N LEU A 311 0.89 3.36 -16.04
CA LEU A 311 0.30 2.68 -14.90
C LEU A 311 -0.62 1.55 -15.40
N THR A 312 -1.49 1.87 -16.35
CA THR A 312 -2.39 0.85 -16.89
C THR A 312 -1.57 -0.28 -17.49
N ASP A 313 -0.38 0.03 -17.98
CA ASP A 313 0.49 -0.99 -18.53
C ASP A 313 0.91 -1.93 -17.41
N MET A 314 1.37 -1.35 -16.31
CA MET A 314 1.80 -2.14 -15.15
C MET A 314 0.62 -2.95 -14.65
N ARG A 315 -0.50 -2.28 -14.48
CA ARG A 315 -1.69 -2.97 -14.00
C ARG A 315 -1.98 -4.20 -14.83
N GLN A 316 -1.96 -4.05 -16.15
CA GLN A 316 -2.26 -5.16 -17.04
C GLN A 316 -1.21 -6.26 -17.07
N ARG A 317 0.06 -5.92 -16.86
CA ARG A 317 1.09 -6.95 -16.86
C ARG A 317 0.79 -7.89 -15.72
N ILE A 318 0.73 -7.32 -14.51
CA ILE A 318 0.42 -8.07 -13.31
C ILE A 318 -0.91 -8.79 -13.55
N GLN A 319 -1.92 -8.02 -13.94
CA GLN A 319 -3.25 -8.54 -14.19
C GLN A 319 -3.30 -9.66 -15.23
N ARG A 320 -2.17 -9.98 -15.86
CA ARG A 320 -2.12 -11.08 -16.83
C ARG A 320 -1.13 -12.16 -16.37
N MET A 321 -0.19 -11.77 -15.50
CA MET A 321 0.79 -12.71 -14.97
C MET A 321 0.07 -13.70 -14.06
N ARG A 322 -1.06 -13.27 -13.52
CA ARG A 322 -1.87 -14.11 -12.65
C ARG A 322 -2.44 -15.25 -13.48
N GLN A 323 -2.91 -14.93 -14.68
CA GLN A 323 -3.49 -15.97 -15.53
C GLN A 323 -2.41 -16.91 -16.00
N LEU A 324 -1.29 -16.35 -16.44
CA LEU A 324 -0.20 -17.18 -16.90
C LEU A 324 0.14 -18.15 -15.79
N PHE A 325 0.26 -17.64 -14.57
CA PHE A 325 0.59 -18.45 -13.41
C PHE A 325 -0.42 -19.58 -13.21
N VAL A 326 -1.69 -19.21 -13.13
CA VAL A 326 -2.74 -20.18 -12.92
C VAL A 326 -2.81 -21.27 -13.99
N ASN A 327 -3.01 -20.90 -15.26
CA ASN A 327 -3.08 -21.91 -16.30
C ASN A 327 -1.79 -22.66 -16.60
N THR A 328 -0.63 -22.04 -16.37
CA THR A 328 0.63 -22.76 -16.61
C THR A 328 0.68 -23.92 -15.61
N LEU A 329 0.23 -23.68 -14.38
CA LEU A 329 0.20 -24.72 -13.37
C LEU A 329 -0.71 -25.86 -13.82
N GLN A 330 -1.90 -25.51 -14.30
CA GLN A 330 -2.85 -26.52 -14.78
C GLN A 330 -2.25 -27.39 -15.87
N GLU A 331 -1.28 -26.85 -16.58
CA GLU A 331 -0.62 -27.58 -17.64
C GLU A 331 0.49 -28.41 -17.02
N LYS A 332 1.29 -27.78 -16.16
CA LYS A 332 2.40 -28.47 -15.49
C LYS A 332 1.95 -29.68 -14.68
N GLY A 333 0.64 -29.82 -14.50
CA GLY A 333 0.11 -30.96 -13.77
C GLY A 333 -0.22 -30.79 -12.30
N ALA A 334 -0.72 -29.61 -11.93
CA ALA A 334 -1.08 -29.34 -10.55
C ALA A 334 -2.45 -29.91 -10.17
N ASN A 335 -2.56 -30.37 -8.93
CA ASN A 335 -3.79 -30.92 -8.40
C ASN A 335 -4.18 -29.96 -7.27
N ARG A 336 -4.75 -28.83 -7.68
CA ARG A 336 -5.21 -27.79 -6.76
C ARG A 336 -5.69 -26.63 -7.60
N ASP A 337 -6.91 -26.20 -7.32
CA ASP A 337 -7.51 -25.09 -8.02
C ASP A 337 -6.85 -23.82 -7.50
N PHE A 338 -6.06 -23.17 -8.36
CA PHE A 338 -5.38 -21.92 -8.02
C PHE A 338 -6.14 -20.73 -8.63
N SER A 339 -7.35 -20.98 -9.12
CA SER A 339 -8.18 -19.95 -9.73
C SER A 339 -8.33 -18.70 -8.89
N PHE A 340 -8.40 -18.87 -7.57
CA PHE A 340 -8.56 -17.74 -6.67
C PHE A 340 -7.55 -16.64 -6.95
N ILE A 341 -6.42 -17.01 -7.55
CA ILE A 341 -5.36 -16.07 -7.90
C ILE A 341 -5.90 -14.99 -8.83
N ILE A 342 -6.61 -15.41 -9.87
CA ILE A 342 -7.18 -14.49 -10.85
C ILE A 342 -8.12 -13.47 -10.23
N LYS A 343 -8.84 -13.90 -9.22
CA LYS A 343 -9.81 -13.06 -8.52
C LYS A 343 -9.17 -11.94 -7.74
N GLN A 344 -7.91 -12.11 -7.34
CA GLN A 344 -7.21 -11.13 -6.53
C GLN A 344 -6.54 -9.96 -7.29
N ASN A 345 -6.44 -8.83 -6.61
CA ASN A 345 -5.89 -7.60 -7.19
C ASN A 345 -4.53 -7.21 -6.61
N GLY A 346 -3.82 -6.33 -7.31
CA GLY A 346 -2.53 -5.86 -6.86
C GLY A 346 -1.38 -6.80 -7.13
N MET A 347 -0.21 -6.45 -6.62
CA MET A 347 0.97 -7.28 -6.84
C MET A 347 1.03 -8.58 -6.05
N PHE A 348 0.33 -8.60 -4.90
CA PHE A 348 0.38 -9.76 -4.01
C PHE A 348 -0.81 -10.67 -3.88
N SER A 349 -0.50 -11.90 -3.47
CA SER A 349 -1.49 -12.93 -3.22
C SER A 349 -0.79 -14.03 -2.43
N PHE A 350 -1.58 -14.85 -1.74
CA PHE A 350 -1.04 -15.95 -0.98
C PHE A 350 -1.14 -17.18 -1.85
N SER A 351 0.00 -17.74 -2.22
CA SER A 351 0.03 -18.93 -3.07
C SER A 351 -0.71 -20.09 -2.42
N GLY A 352 -0.64 -20.14 -1.09
CA GLY A 352 -1.28 -21.21 -0.35
C GLY A 352 -0.25 -22.26 -0.03
N LEU A 353 1.01 -21.87 -0.12
CA LEU A 353 2.10 -22.78 0.16
C LEU A 353 2.43 -22.73 1.64
N THR A 354 2.80 -23.88 2.19
CA THR A 354 3.13 -23.97 3.59
C THR A 354 4.51 -23.37 3.80
N LYS A 355 4.78 -22.88 5.01
CA LYS A 355 6.08 -22.30 5.30
C LYS A 355 7.15 -23.36 5.01
N GLU A 356 6.73 -24.62 5.02
CA GLU A 356 7.62 -25.75 4.75
C GLU A 356 7.87 -25.82 3.25
N GLN A 357 6.80 -25.76 2.48
CA GLN A 357 6.86 -25.82 1.03
C GLN A 357 7.71 -24.67 0.51
N VAL A 358 7.45 -23.45 0.96
CA VAL A 358 8.22 -22.30 0.51
C VAL A 358 9.70 -22.47 0.82
N LEU A 359 10.00 -23.25 1.84
CA LEU A 359 11.37 -23.50 2.24
C LEU A 359 12.05 -24.47 1.28
N ARG A 360 11.38 -25.57 0.94
CA ARG A 360 12.02 -26.52 0.04
C ARG A 360 12.09 -25.96 -1.37
N LEU A 361 11.18 -25.05 -1.69
CA LEU A 361 11.15 -24.41 -2.99
C LEU A 361 12.41 -23.57 -3.18
N ARG A 362 12.79 -22.88 -2.11
CA ARG A 362 13.98 -22.04 -2.10
C ARG A 362 15.22 -22.91 -2.06
N GLU A 363 15.29 -23.73 -1.00
CA GLU A 363 16.39 -24.64 -0.73
C GLU A 363 16.70 -25.65 -1.83
N GLU A 364 15.67 -26.16 -2.49
CA GLU A 364 15.86 -27.16 -3.54
C GLU A 364 15.60 -26.69 -4.97
N PHE A 365 15.13 -25.45 -5.13
CA PHE A 365 14.84 -24.93 -6.46
C PHE A 365 15.23 -23.48 -6.72
N GLY A 366 15.57 -22.75 -5.66
CA GLY A 366 15.96 -21.36 -5.83
C GLY A 366 14.80 -20.41 -6.13
N VAL A 367 13.62 -20.70 -5.61
CA VAL A 367 12.46 -19.85 -5.82
C VAL A 367 12.25 -19.19 -4.45
N TYR A 368 12.27 -17.88 -4.42
CA TYR A 368 12.10 -17.18 -3.16
C TYR A 368 10.73 -16.58 -2.96
N ALA A 369 10.10 -16.93 -1.84
CA ALA A 369 8.79 -16.42 -1.48
C ALA A 369 8.84 -16.05 0.00
N VAL A 370 7.91 -15.20 0.42
CA VAL A 370 7.84 -14.76 1.82
C VAL A 370 7.38 -15.97 2.62
N ALA A 371 7.83 -16.05 3.87
CA ALA A 371 7.45 -17.15 4.75
C ALA A 371 5.95 -17.40 4.73
N SER A 372 5.18 -16.32 4.62
CA SER A 372 3.71 -16.40 4.58
C SER A 372 3.16 -17.02 3.30
N GLY A 373 4.05 -17.57 2.46
CA GLY A 373 3.62 -18.15 1.21
C GLY A 373 3.10 -17.05 0.30
N ARG A 374 3.45 -15.80 0.65
CA ARG A 374 3.04 -14.65 -0.15
C ARG A 374 3.92 -14.65 -1.37
N VAL A 375 3.31 -14.43 -2.52
CA VAL A 375 4.04 -14.44 -3.76
C VAL A 375 3.77 -13.16 -4.54
N ASN A 376 4.85 -12.51 -4.98
CA ASN A 376 4.74 -11.29 -5.76
C ASN A 376 4.53 -11.64 -7.22
N VAL A 377 3.31 -11.47 -7.69
CA VAL A 377 2.94 -11.76 -9.07
C VAL A 377 3.75 -10.97 -10.11
N ALA A 378 4.17 -9.75 -9.75
CA ALA A 378 4.94 -8.89 -10.66
C ALA A 378 6.41 -9.29 -10.84
N GLY A 379 6.81 -10.38 -10.20
CA GLY A 379 8.16 -10.86 -10.34
C GLY A 379 8.14 -12.03 -11.30
N MET A 380 6.96 -12.31 -11.85
CA MET A 380 6.79 -13.39 -12.79
C MET A 380 6.80 -12.89 -14.23
N THR A 381 7.63 -13.53 -15.06
CA THR A 381 7.74 -13.18 -16.47
C THR A 381 7.33 -14.41 -17.26
N PRO A 382 7.02 -14.25 -18.55
CA PRO A 382 6.63 -15.41 -19.35
C PRO A 382 7.82 -16.36 -19.44
N ASP A 383 9.01 -15.76 -19.32
CA ASP A 383 10.24 -16.51 -19.40
C ASP A 383 10.44 -17.44 -18.21
N ASN A 384 10.13 -16.97 -16.99
CA ASN A 384 10.31 -17.82 -15.82
C ASN A 384 9.05 -18.46 -15.28
N MET A 385 7.92 -18.17 -15.90
CA MET A 385 6.65 -18.73 -15.47
C MET A 385 6.68 -20.25 -15.61
N ALA A 386 7.39 -20.74 -16.62
CA ALA A 386 7.51 -22.17 -16.88
C ALA A 386 8.25 -22.95 -15.80
N PRO A 387 9.50 -22.54 -15.47
CA PRO A 387 10.20 -23.30 -14.44
C PRO A 387 9.60 -23.09 -13.04
N LEU A 388 9.01 -21.90 -12.84
CA LEU A 388 8.39 -21.53 -11.57
C LEU A 388 7.29 -22.54 -11.28
N CYS A 389 6.22 -22.50 -12.08
CA CYS A 389 5.11 -23.43 -11.91
C CYS A 389 5.58 -24.87 -11.84
N GLU A 390 6.73 -25.13 -12.45
CA GLU A 390 7.32 -26.46 -12.45
C GLU A 390 7.74 -26.81 -11.03
N ALA A 391 8.60 -25.98 -10.45
CA ALA A 391 9.10 -26.20 -9.09
C ALA A 391 7.94 -26.33 -8.11
N ILE A 392 7.03 -25.37 -8.15
CA ILE A 392 5.86 -25.35 -7.28
C ILE A 392 5.11 -26.68 -7.31
N VAL A 393 4.80 -27.18 -8.50
CA VAL A 393 4.08 -28.45 -8.61
C VAL A 393 4.88 -29.58 -7.98
N ALA A 394 6.19 -29.57 -8.22
CA ALA A 394 7.07 -30.61 -7.67
C ALA A 394 7.05 -30.64 -6.15
N VAL A 395 6.57 -29.57 -5.54
CA VAL A 395 6.52 -29.49 -4.08
C VAL A 395 5.10 -29.50 -3.51
N LEU A 396 4.11 -29.63 -4.38
CA LEU A 396 2.71 -29.67 -3.94
C LEU A 396 2.35 -31.02 -3.30
#